data_9ECZ
#
_entry.id   9ECZ
#
_cell.length_a   1.00
_cell.length_b   1.00
_cell.length_c   1.00
_cell.angle_alpha   90.00
_cell.angle_beta   90.00
_cell.angle_gamma   90.00
#
_symmetry.space_group_name_H-M   'P 1'
#
loop_
_entity.id
_entity.type
_entity.pdbx_description
1 polymer 'Spike glycoprotein'
2 polymer 'WRAIR-2008 antibody Fab heavy chain'
3 polymer 'WRAIR-2008 antibody Fab light chain'
4 branched beta-D-mannopyranose-(1-4)-2-acetamido-2-deoxy-beta-D-glucopyranose-(1-4)-2-acetamido-2-deoxy-beta-D-glucopyranose
5 branched 2-acetamido-2-deoxy-beta-D-glucopyranose-(1-4)-2-acetamido-2-deoxy-beta-D-glucopyranose
6 non-polymer 2-acetamido-2-deoxy-beta-D-glucopyranose
#
loop_
_entity_poly.entity_id
_entity_poly.type
_entity_poly.pdbx_seq_one_letter_code
_entity_poly.pdbx_strand_id
1 'polypeptide(L)'
;MFVFLVLLPLVSSQCVNLTTRTQLPPAYTNSFTRGVYYPDKVFRSSVLHSTQDLFLPFFSNVTWFHAIHVSGTNGTKRFD
NPVLPFNDGVYFASTEKSNIIRGWIFGTTLDSKTQSLLIVNNATNVVIKVCEFQFCNDPFLGVYYHKNNKSWMESEFRVY
SSANNCTFEYVSQPFLMDLEGKQGNFKNLREFVFKNIDGYFKIYSKHTPINLVRDLPQGFSALEPLVDLPIGINITRFQT
LLALHRSYLTPGDSSSGWTAGAAAYYVGYLQPRTFLLKYNENGTITDAVDCALDPLSETKCTLKSFTVEKGIYQTSNFRV
QPTESIVRFPNITNLCPFGEVFNATRFASVYAWNRKRISNCVADYSVLYNSASFSTFKCYGVSPTKLNDLCFTNVYADSF
VIRGDEVRQIAPGQTGKIADYNYKLPDDFTGCVIAWNSNNLDSKVGGNYNYLYRLFRKSNLKPFERDISTEIYQAGSTPC
NGVEGFNCYFPLQSYGFQPTNGVGYQPYRVVVLSFELLHAPATVCGPKKSTNLVKNKCVNFNFNGLTGTGVLTESNKKFL
PFQQFGRDIADTTDAVRDPQTLEILDITPCSFGGVSVITPGTNTSNQVAVLYQDVNCTEVPVAIHADQLTPTWRVYSTGS
NVFQTRAGCLIGAEHVNNSYECDIPIGAGICASYQTQTNSPGSASSVASQSIIAYTMSLGAENSVAYSNNSIAIPTNFTI
SVTTEILPVSMTKTSVDCTMYICGDSTECSNLLLQYGSFCTQLNRALTGIAVEQDKNTQEVFAQVKQIYKTPPIKDFGGF
NFSQILPDPSKPSKRSPIEDLLFNKVTLADAGFIKQYGDCLGDIAARDLICAQKFNGLTVLPPLLTDEMIAQYTSALLAG
TITSGWTFGAGPALQIPFPMQMAYRFNGIGVTQNVLYENQKLIANQFNSAIGKIQDSLSSTPSALGKLQDVVNQNAQALN
TLVKQLSSNFGAISSVLNDILSRLDPPEAEVQIDRLITGRLQSLQTYVTQQLIRAAEIRASANLAATKMSECVLGQSKRV
DFCGKGYHLMSFPQSAPHGVVFLHVTYVPAQEKNFTTAPAICHDGKAHFPREGVFVSNGTHWFVTQRNFYEPQIITTDNT
FVSGNCDVVIGIVNNTVYDPLQPELDSFKEELDKYFKNHTSPDVDLGDISGINASVVNIQKEIDRLNEVAKNLNESLIDL
QELGKYEQGSGYIPEAPRDGQAYVRKDGEWVLLSTFLGRSLEVLFQGPGHHHHHHHHSAWSHPQFEKGGGSGGGGSGGSA
WSHPQFEK
;
A
2 'polypeptide(L)'
;QVRVVQSGAEVKNPGASVKVSCKVSGYTLTELSIHWVRQAPGNGLEWMGGFDPEDGETIYAQKFQGRVTMTEDTSTDTAY
MELSSLRSDDTAVYYCATAGAITGTPRNFYYYYGMDVWGQGTTVTVSSASTKGPSVFPLAPSSKSTSGGTAALGCLVKDY
FPEPVTVSWNSGALTSGVHTFPAVLQSSGLYSLSSVVTVPSSSLGTQTYICNVNHKPSNTKVDKKVEPKSCDK
;
H
3 'polypeptide(L)'
;DIVMTQTPLSSPVTLGQPASISCRSSQSLVHSDGNTYLSWLQQRPGQPPRLLIYKISNRFSGVPDRFSGSGAGTDFTLKI
SRVEAEDVGVYYCMQVTQFPYTFGQGTKLEIKRTVAAPSVFIFPPSDEQLKSGTASVVCLLNNFYPREAKVQWKVDNALQ
SGNSQESVTEQDSKDSTYSLSSTLTLSKADYEKHKVYACEVTHQGLSSPVTKSFNRGEC
;
L
#
# COMPACT_ATOMS: atom_id res chain seq x y z
N GLN A 14 14.77 -3.96 -0.48
CA GLN A 14 13.33 -3.68 -0.29
C GLN A 14 12.71 -4.73 0.63
N CYS A 15 12.74 -4.46 1.93
CA CYS A 15 12.22 -5.39 2.92
C CYS A 15 11.85 -4.62 4.17
N VAL A 16 10.90 -5.16 4.93
CA VAL A 16 10.35 -4.48 6.09
C VAL A 16 10.27 -5.46 7.27
N ASN A 17 10.22 -4.92 8.48
CA ASN A 17 10.28 -5.70 9.70
C ASN A 17 8.93 -5.80 10.41
N LEU A 18 7.83 -5.92 9.65
CA LEU A 18 6.51 -5.88 10.26
C LEU A 18 6.24 -7.07 11.18
N THR A 19 7.09 -8.10 11.13
CA THR A 19 6.84 -9.32 11.92
C THR A 19 7.40 -9.23 13.34
N THR A 20 7.60 -8.05 13.93
CA THR A 20 8.11 -7.98 15.29
C THR A 20 6.99 -8.22 16.29
N ARG A 21 7.32 -8.94 17.36
CA ARG A 21 6.37 -9.20 18.42
C ARG A 21 7.10 -9.78 19.63
N THR A 22 6.40 -9.81 20.76
CA THR A 22 6.91 -10.49 21.93
C THR A 22 6.53 -11.97 21.87
N GLN A 23 7.23 -12.79 22.66
CA GLN A 23 7.00 -14.23 22.65
C GLN A 23 5.53 -14.53 22.93
N LEU A 24 4.95 -15.42 22.12
CA LEU A 24 3.53 -15.74 22.19
C LEU A 24 3.37 -17.24 22.37
N PRO A 25 2.60 -17.71 23.35
CA PRO A 25 2.48 -19.15 23.56
C PRO A 25 1.61 -19.79 22.49
N PRO A 26 2.18 -20.59 21.59
CA PRO A 26 1.37 -21.21 20.53
C PRO A 26 0.45 -22.26 21.12
N ALA A 27 -0.86 -22.03 20.99
CA ALA A 27 -1.82 -22.94 21.58
C ALA A 27 -1.72 -24.33 20.95
N TYR A 28 -2.61 -25.22 21.36
CA TYR A 28 -2.63 -26.59 20.86
C TYR A 28 -4.07 -27.09 20.86
N THR A 29 -4.32 -28.12 20.07
CA THR A 29 -5.63 -28.76 20.04
C THR A 29 -5.49 -30.17 19.48
N ASN A 30 -6.46 -31.01 19.81
CA ASN A 30 -6.45 -32.38 19.34
C ASN A 30 -6.92 -32.44 17.88
N SER A 31 -6.47 -33.48 17.18
CA SER A 31 -6.79 -33.67 15.76
C SER A 31 -7.53 -35.00 15.64
N PHE A 32 -8.78 -34.93 15.24
CA PHE A 32 -9.61 -36.12 15.09
C PHE A 32 -9.51 -36.68 13.68
N THR A 33 -8.81 -37.81 13.53
CA THR A 33 -8.72 -38.52 12.25
C THR A 33 -8.64 -37.56 11.07
N ARG A 34 -7.62 -36.71 11.06
CA ARG A 34 -7.47 -35.71 10.03
C ARG A 34 -6.17 -35.92 9.27
N GLY A 35 -6.21 -35.63 7.97
CA GLY A 35 -5.03 -35.76 7.13
C GLY A 35 -4.81 -37.12 6.53
N VAL A 36 -5.76 -38.06 6.68
CA VAL A 36 -5.59 -39.38 6.09
C VAL A 36 -5.70 -39.26 4.57
N TYR A 37 -4.74 -39.86 3.87
CA TYR A 37 -4.67 -39.75 2.42
C TYR A 37 -4.37 -41.11 1.80
N TYR A 38 -4.54 -41.19 0.48
CA TYR A 38 -4.50 -42.46 -0.21
C TYR A 38 -3.10 -42.74 -0.76
N PRO A 39 -2.48 -43.87 -0.43
CA PRO A 39 -1.14 -44.16 -0.96
C PRO A 39 -1.13 -44.73 -2.36
N ASP A 40 -2.20 -45.42 -2.79
CA ASP A 40 -2.24 -46.07 -4.09
C ASP A 40 -3.00 -45.21 -5.07
N LYS A 41 -3.25 -45.78 -6.26
CA LYS A 41 -3.95 -45.08 -7.33
C LYS A 41 -5.19 -45.82 -7.81
N VAL A 42 -5.65 -46.85 -7.09
CA VAL A 42 -6.73 -47.71 -7.56
C VAL A 42 -7.95 -47.70 -6.63
N PHE A 43 -7.82 -47.20 -5.40
CA PHE A 43 -8.89 -47.24 -4.42
C PHE A 43 -9.04 -45.88 -3.76
N ARG A 44 -10.28 -45.43 -3.62
CA ARG A 44 -10.57 -44.22 -2.87
C ARG A 44 -11.92 -44.37 -2.17
N SER A 45 -12.20 -43.42 -1.28
CA SER A 45 -13.39 -43.47 -0.43
C SER A 45 -13.25 -44.56 0.62
N THR A 51 2.09 -51.24 3.05
CA THR A 51 1.59 -49.92 2.66
C THR A 51 1.91 -48.89 3.73
N GLN A 52 2.88 -49.20 4.59
CA GLN A 52 3.28 -48.28 5.64
C GLN A 52 3.75 -46.97 5.03
N ASP A 53 3.34 -45.86 5.64
CA ASP A 53 3.72 -44.54 5.17
C ASP A 53 3.57 -43.55 6.32
N LEU A 54 4.05 -42.33 6.09
CA LEU A 54 3.94 -41.28 7.08
C LEU A 54 2.50 -40.81 7.18
N PHE A 55 2.04 -40.57 8.41
CA PHE A 55 0.66 -40.13 8.63
C PHE A 55 0.56 -39.42 9.97
N LEU A 56 -0.55 -38.70 10.14
CA LEU A 56 -0.82 -38.00 11.39
C LEU A 56 -1.65 -38.89 12.31
N PRO A 57 -1.14 -39.28 13.48
CA PRO A 57 -1.92 -40.20 14.33
C PRO A 57 -3.22 -39.58 14.81
N PHE A 58 -4.21 -40.44 15.02
CA PHE A 58 -5.48 -39.99 15.56
C PHE A 58 -5.27 -39.34 16.92
N PHE A 59 -5.99 -38.26 17.18
CA PHE A 59 -5.94 -37.53 18.43
C PHE A 59 -4.58 -36.90 18.70
N SER A 60 -3.83 -36.55 17.66
CA SER A 60 -2.54 -35.94 17.84
C SER A 60 -2.68 -34.47 18.23
N ASN A 61 -1.55 -33.83 18.51
CA ASN A 61 -1.54 -32.39 18.88
C ASN A 61 -1.18 -31.58 17.64
N VAL A 62 -1.97 -30.57 17.32
CA VAL A 62 -1.75 -29.67 16.20
C VAL A 62 -1.57 -28.26 16.75
N THR A 63 -0.47 -27.63 16.38
CA THR A 63 -0.13 -26.31 16.89
C THR A 63 -0.88 -25.24 16.11
N TRP A 64 -1.83 -24.58 16.78
CA TRP A 64 -2.63 -23.52 16.18
C TRP A 64 -1.89 -22.21 16.28
N PHE A 65 -1.92 -21.43 15.21
CA PHE A 65 -1.18 -20.17 15.13
C PHE A 65 -2.15 -19.03 14.89
N HIS A 66 -1.63 -17.81 14.98
CA HIS A 66 -2.32 -16.60 14.56
C HIS A 66 -1.33 -15.72 13.82
N ALA A 67 -1.33 -15.81 12.49
CA ALA A 67 -0.36 -15.05 11.70
C ALA A 67 -0.52 -13.56 11.88
N ILE A 68 -1.75 -13.06 11.89
CA ILE A 68 -2.04 -11.66 12.14
C ILE A 68 -3.12 -11.59 13.21
N HIS A 69 -2.85 -10.87 14.29
CA HIS A 69 -3.76 -10.82 15.42
C HIS A 69 -3.84 -9.38 15.93
N VAL A 70 -4.94 -9.08 16.62
CA VAL A 70 -5.21 -7.75 17.14
C VAL A 70 -5.45 -7.86 18.64
N SER A 71 -5.33 -6.72 19.33
CA SER A 71 -5.55 -6.67 20.77
C SER A 71 -5.64 -5.22 21.21
N GLY A 72 -6.18 -5.02 22.41
CA GLY A 72 -6.27 -3.69 22.99
C GLY A 72 -7.05 -2.73 22.10
N THR A 73 -6.31 -1.81 21.47
CA THR A 73 -6.93 -0.93 20.49
C THR A 73 -7.43 -1.68 19.27
N ASN A 74 -7.15 -2.99 19.19
CA ASN A 74 -7.58 -3.82 18.07
C ASN A 74 -6.85 -3.46 16.79
N GLY A 75 -5.58 -3.05 16.93
CA GLY A 75 -4.72 -2.90 15.78
C GLY A 75 -4.00 -4.20 15.45
N THR A 76 -3.83 -4.43 14.15
CA THR A 76 -3.20 -5.67 13.69
C THR A 76 -1.70 -5.61 13.93
N LYS A 77 -1.31 -5.48 15.20
CA LYS A 77 0.10 -5.34 15.54
C LYS A 77 0.77 -6.71 15.68
N ARG A 78 0.03 -7.72 16.13
CA ARG A 78 0.60 -9.04 16.41
C ARG A 78 0.83 -9.78 15.08
N PHE A 79 1.93 -9.42 14.43
CA PHE A 79 2.39 -10.16 13.26
C PHE A 79 3.16 -11.40 13.69
N ASP A 80 3.13 -12.44 12.87
CA ASP A 80 4.05 -13.55 13.04
C ASP A 80 3.91 -14.51 11.88
N ASN A 81 5.05 -15.09 11.49
CA ASN A 81 5.13 -16.11 10.46
C ASN A 81 6.43 -16.87 10.67
N PRO A 82 6.57 -17.56 11.79
CA PRO A 82 7.88 -18.14 12.15
C PRO A 82 8.26 -19.27 11.21
N VAL A 83 9.56 -19.54 11.15
CA VAL A 83 10.10 -20.57 10.27
C VAL A 83 9.99 -21.93 10.96
N LEU A 84 8.86 -22.59 10.81
CA LEU A 84 8.64 -23.86 11.47
C LEU A 84 9.59 -24.91 10.91
N PRO A 85 9.86 -25.98 11.66
CA PRO A 85 10.75 -27.03 11.18
C PRO A 85 10.01 -28.04 10.32
N PHE A 86 10.48 -28.22 9.09
CA PHE A 86 9.93 -29.24 8.18
C PHE A 86 10.47 -30.59 8.61
N ASN A 87 9.69 -31.30 9.43
CA ASN A 87 10.17 -32.53 10.08
C ASN A 87 9.30 -33.68 9.61
N ASP A 88 9.89 -34.56 8.79
CA ASP A 88 9.22 -35.73 8.27
C ASP A 88 7.89 -35.39 7.62
N GLY A 89 7.88 -34.38 6.75
CA GLY A 89 6.65 -33.91 6.13
C GLY A 89 5.97 -32.88 7.00
N VAL A 90 4.78 -32.46 6.54
CA VAL A 90 3.98 -31.49 7.27
C VAL A 90 2.52 -31.67 6.89
N TYR A 91 1.65 -31.43 7.86
CA TYR A 91 0.22 -31.29 7.62
C TYR A 91 -0.13 -29.82 7.80
N PHE A 92 -0.95 -29.30 6.89
CA PHE A 92 -1.27 -27.89 6.86
C PHE A 92 -2.76 -27.71 6.58
N ALA A 93 -3.36 -26.69 7.18
CA ALA A 93 -4.78 -26.42 6.96
C ALA A 93 -5.11 -25.02 7.41
N SER A 94 -6.16 -24.46 6.81
CA SER A 94 -6.65 -23.14 7.15
C SER A 94 -8.17 -23.16 7.20
N THR A 95 -8.75 -22.21 7.94
CA THR A 95 -10.20 -22.08 8.05
C THR A 95 -10.51 -20.59 8.00
N GLU A 96 -11.14 -20.15 6.93
CA GLU A 96 -11.40 -18.73 6.73
C GLU A 96 -12.37 -18.55 5.58
N LYS A 97 -12.58 -17.30 5.18
CA LYS A 97 -13.38 -16.96 4.01
C LYS A 97 -12.68 -15.84 3.24
N SER A 98 -11.37 -16.00 3.05
CA SER A 98 -10.57 -14.98 2.38
C SER A 98 -9.48 -15.64 1.56
N ASN A 99 -8.54 -14.82 1.09
CA ASN A 99 -7.42 -15.27 0.27
C ASN A 99 -6.09 -14.72 0.78
N ILE A 100 -5.93 -14.57 2.09
CA ILE A 100 -4.74 -13.92 2.61
C ILE A 100 -3.52 -14.81 2.44
N ILE A 101 -3.67 -16.12 2.66
CA ILE A 101 -2.55 -17.05 2.61
C ILE A 101 -2.35 -17.50 1.16
N ARG A 102 -1.19 -17.18 0.59
CA ARG A 102 -0.91 -17.47 -0.81
C ARG A 102 -0.13 -18.76 -0.97
N GLY A 103 1.11 -18.80 -0.48
CA GLY A 103 1.98 -19.91 -0.80
C GLY A 103 3.00 -20.16 0.29
N TRP A 104 3.95 -21.04 -0.02
CA TRP A 104 4.90 -21.55 0.97
C TRP A 104 6.31 -21.50 0.40
N ILE A 105 7.28 -21.47 1.31
CA ILE A 105 8.69 -21.60 0.97
C ILE A 105 9.24 -22.82 1.68
N PHE A 106 9.91 -23.69 0.93
CA PHE A 106 10.55 -24.87 1.49
C PHE A 106 12.03 -24.85 1.15
N GLY A 107 12.86 -25.43 2.01
CA GLY A 107 14.28 -25.50 1.72
C GLY A 107 15.06 -25.88 2.96
N THR A 108 16.38 -26.02 2.76
CA THR A 108 17.27 -26.38 3.85
C THR A 108 17.56 -25.20 4.76
N THR A 109 18.17 -24.15 4.20
CA THR A 109 18.64 -23.03 5.00
C THR A 109 18.06 -21.69 4.60
N LEU A 110 17.23 -21.61 3.56
CA LEU A 110 16.62 -20.35 3.14
C LEU A 110 17.68 -19.26 3.01
N ASP A 111 18.70 -19.55 2.22
CA ASP A 111 19.82 -18.64 2.01
C ASP A 111 20.18 -18.62 0.54
N SER A 112 21.04 -17.66 0.17
CA SER A 112 21.48 -17.55 -1.21
C SER A 112 22.73 -18.40 -1.44
N LYS A 113 22.72 -19.63 -0.92
CA LYS A 113 23.81 -20.56 -1.16
C LYS A 113 23.33 -21.98 -1.45
N THR A 114 22.06 -22.30 -1.26
CA THR A 114 21.53 -23.63 -1.50
C THR A 114 20.14 -23.52 -2.12
N GLN A 115 19.73 -24.58 -2.79
CA GLN A 115 18.45 -24.57 -3.49
C GLN A 115 17.30 -24.37 -2.51
N SER A 116 16.12 -24.13 -3.08
CA SER A 116 14.91 -23.92 -2.30
C SER A 116 13.73 -23.91 -3.24
N LEU A 117 12.53 -23.97 -2.66
CA LEU A 117 11.30 -24.12 -3.42
C LEU A 117 10.36 -22.97 -3.10
N LEU A 118 9.56 -22.57 -4.08
CA LEU A 118 8.58 -21.50 -3.93
C LEU A 118 7.29 -21.86 -4.64
N ILE A 119 6.18 -21.86 -3.90
CA ILE A 119 4.87 -22.02 -4.49
C ILE A 119 4.17 -20.68 -4.46
N VAL A 120 4.34 -19.88 -5.51
CA VAL A 120 3.84 -18.52 -5.53
C VAL A 120 2.47 -18.50 -6.21
N ASN A 121 1.43 -18.85 -5.46
CA ASN A 121 0.08 -18.76 -5.98
C ASN A 121 -0.25 -17.30 -6.29
N ASN A 122 -0.93 -17.07 -7.40
CA ASN A 122 -1.46 -15.74 -7.70
C ASN A 122 -2.85 -15.92 -8.29
N ALA A 123 -3.44 -14.83 -8.77
CA ALA A 123 -4.88 -14.81 -8.98
C ALA A 123 -5.35 -15.91 -9.91
N THR A 124 -4.58 -16.25 -10.94
CA THR A 124 -5.04 -17.17 -11.97
C THR A 124 -4.15 -18.38 -12.19
N ASN A 125 -3.01 -18.50 -11.49
CA ASN A 125 -2.11 -19.61 -11.72
C ASN A 125 -1.31 -19.88 -10.46
N VAL A 126 -0.70 -21.07 -10.42
CA VAL A 126 0.24 -21.45 -9.37
C VAL A 126 1.56 -21.78 -10.04
N VAL A 127 2.60 -21.03 -9.69
CA VAL A 127 3.90 -21.14 -10.36
C VAL A 127 4.91 -21.68 -9.35
N ILE A 128 5.22 -22.97 -9.47
CA ILE A 128 6.20 -23.63 -8.62
C ILE A 128 7.57 -23.37 -9.24
N LYS A 129 8.49 -22.84 -8.43
CA LYS A 129 9.79 -22.39 -8.90
C LYS A 129 10.86 -22.89 -7.94
N VAL A 130 12.03 -23.22 -8.48
CA VAL A 130 13.15 -23.70 -7.67
C VAL A 130 14.43 -23.11 -8.25
N CYS A 131 14.92 -22.04 -7.63
CA CYS A 131 16.18 -21.43 -8.00
C CYS A 131 16.98 -21.16 -6.72
N GLU A 132 18.11 -20.49 -6.89
CA GLU A 132 18.93 -20.09 -5.75
C GLU A 132 18.47 -18.74 -5.23
N PHE A 133 17.31 -18.71 -4.57
CA PHE A 133 16.73 -17.46 -4.11
C PHE A 133 17.58 -16.83 -3.01
N GLN A 134 17.51 -15.50 -2.90
CA GLN A 134 18.15 -14.77 -1.80
C GLN A 134 17.08 -14.03 -0.99
N PHE A 135 16.53 -14.76 -0.02
CA PHE A 135 15.40 -14.25 0.74
C PHE A 135 15.82 -13.12 1.66
N CYS A 136 14.82 -12.39 2.17
CA CYS A 136 15.02 -11.44 3.25
C CYS A 136 14.71 -12.12 4.59
N ASN A 137 14.66 -11.34 5.66
CA ASN A 137 14.36 -11.90 6.97
C ASN A 137 12.90 -12.32 7.09
N ASP A 138 12.05 -11.92 6.15
CA ASP A 138 10.64 -12.28 6.20
C ASP A 138 10.07 -12.17 4.80
N PRO A 139 9.13 -13.05 4.44
CA PRO A 139 8.51 -12.97 3.11
C PRO A 139 7.22 -12.14 3.14
N PHE A 140 6.91 -11.43 2.06
CA PHE A 140 5.75 -10.56 2.09
C PHE A 140 4.66 -10.92 1.08
N LEU A 141 4.98 -10.92 -0.21
CA LEU A 141 3.99 -11.08 -1.26
C LEU A 141 2.77 -10.19 -1.01
N GLY A 142 2.95 -8.86 -1.05
CA GLY A 142 1.86 -7.93 -0.90
C GLY A 142 1.28 -7.47 -2.22
N VAL A 143 0.39 -6.49 -2.15
CA VAL A 143 -0.24 -5.91 -3.34
C VAL A 143 -0.25 -4.40 -3.21
N TYR A 144 -0.46 -3.73 -4.35
CA TYR A 144 -0.55 -2.27 -4.38
C TYR A 144 -1.32 -1.87 -5.64
N TYR A 145 -1.26 -0.59 -5.97
CA TYR A 145 -1.98 -0.03 -7.10
C TYR A 145 -1.00 0.52 -8.13
N HIS A 146 -1.37 0.39 -9.42
CA HIS A 146 -0.56 0.84 -10.53
C HIS A 146 -1.26 2.03 -11.18
N LYS A 147 -0.54 3.14 -11.35
CA LYS A 147 -1.16 4.36 -11.88
C LYS A 147 -1.62 4.17 -13.32
N ASN A 148 -0.72 3.70 -14.19
CA ASN A 148 -1.00 3.74 -15.62
C ASN A 148 -2.26 2.97 -15.99
N ASN A 149 -2.45 1.79 -15.43
CA ASN A 149 -3.70 1.05 -15.55
C ASN A 149 -4.53 1.30 -14.30
N LYS A 150 -5.75 0.76 -14.29
CA LYS A 150 -6.71 1.04 -13.23
C LYS A 150 -7.09 -0.22 -12.47
N SER A 151 -6.10 -1.02 -12.08
CA SER A 151 -6.35 -2.19 -11.26
C SER A 151 -5.11 -2.48 -10.43
N TRP A 152 -5.32 -3.20 -9.33
CA TRP A 152 -4.22 -3.51 -8.43
C TRP A 152 -3.27 -4.51 -9.07
N MET A 153 -2.03 -4.49 -8.61
CA MET A 153 -0.97 -5.33 -9.14
C MET A 153 -0.28 -6.04 -7.98
N GLU A 154 0.25 -7.23 -8.26
CA GLU A 154 0.79 -8.11 -7.23
C GLU A 154 2.26 -8.44 -7.49
N SER A 155 2.98 -7.58 -8.21
CA SER A 155 4.39 -7.79 -8.46
C SER A 155 5.16 -7.65 -7.15
N GLU A 156 5.82 -8.72 -6.72
CA GLU A 156 6.35 -8.81 -5.36
C GLU A 156 7.75 -9.40 -5.34
N PHE A 157 8.66 -8.78 -6.11
CA PHE A 157 10.08 -9.10 -5.97
C PHE A 157 10.58 -8.93 -4.54
N ARG A 158 9.79 -8.34 -3.65
CA ARG A 158 10.17 -8.23 -2.24
C ARG A 158 10.56 -9.56 -1.63
N VAL A 159 9.87 -10.64 -2.00
CA VAL A 159 10.00 -11.90 -1.27
C VAL A 159 11.42 -12.44 -1.37
N TYR A 160 12.00 -12.44 -2.57
CA TYR A 160 13.25 -13.15 -2.81
C TYR A 160 14.37 -12.29 -3.39
N SER A 161 14.17 -10.99 -3.57
CA SER A 161 15.25 -10.11 -3.98
C SER A 161 15.82 -10.51 -5.34
N SER A 162 16.46 -11.67 -5.42
CA SER A 162 17.10 -12.09 -6.67
C SER A 162 17.27 -13.60 -6.66
N ALA A 163 17.61 -14.14 -7.83
CA ALA A 163 17.86 -15.57 -8.01
C ALA A 163 19.03 -15.63 -8.99
N ASN A 164 20.16 -16.13 -8.51
CA ASN A 164 21.40 -16.21 -9.31
C ASN A 164 21.23 -17.32 -10.36
N ASN A 165 21.21 -18.59 -9.95
CA ASN A 165 21.14 -19.74 -10.87
C ASN A 165 19.89 -20.57 -10.56
N CYS A 166 19.04 -20.86 -11.55
CA CYS A 166 17.78 -21.62 -11.35
C CYS A 166 17.91 -23.00 -11.99
N THR A 167 17.01 -23.93 -11.68
CA THR A 167 17.04 -25.29 -12.22
C THR A 167 15.69 -25.83 -12.64
N PHE A 168 14.58 -25.24 -12.23
CA PHE A 168 13.28 -25.81 -12.52
C PHE A 168 12.25 -24.70 -12.61
N GLU A 169 11.12 -25.01 -13.22
CA GLU A 169 9.99 -24.09 -13.33
C GLU A 169 8.72 -24.91 -13.50
N TYR A 170 7.58 -24.22 -13.50
CA TYR A 170 6.30 -24.90 -13.62
C TYR A 170 5.19 -23.86 -13.67
N VAL A 171 4.04 -24.27 -14.18
CA VAL A 171 2.86 -23.42 -14.24
C VAL A 171 1.64 -24.30 -14.44
N SER A 172 0.51 -23.88 -13.89
CA SER A 172 -0.71 -24.67 -13.99
C SER A 172 -1.86 -23.88 -13.39
N GLN A 173 -3.04 -24.47 -13.43
CA GLN A 173 -4.18 -23.87 -12.77
C GLN A 173 -3.95 -23.82 -11.27
N PRO A 174 -4.42 -22.79 -10.58
CA PRO A 174 -4.07 -22.63 -9.16
C PRO A 174 -4.57 -23.77 -8.29
N PHE A 175 -3.77 -24.12 -7.28
CA PHE A 175 -4.17 -25.14 -6.33
C PHE A 175 -5.41 -24.70 -5.57
N LEU A 176 -5.36 -23.52 -4.97
CA LEU A 176 -6.45 -23.06 -4.13
C LEU A 176 -7.68 -22.72 -4.96
N MET A 177 -8.85 -23.14 -4.48
CA MET A 177 -10.08 -22.69 -5.08
C MET A 177 -10.16 -21.17 -5.02
N ASP A 178 -11.07 -20.60 -5.80
CA ASP A 178 -11.28 -19.17 -5.75
C ASP A 178 -11.79 -18.77 -4.36
N LEU A 179 -11.74 -17.47 -4.08
CA LEU A 179 -12.42 -16.93 -2.90
C LEU A 179 -13.91 -16.96 -3.21
N GLU A 180 -14.45 -18.19 -3.24
CA GLU A 180 -15.78 -18.38 -3.78
C GLU A 180 -16.83 -17.60 -3.00
N GLY A 181 -16.78 -17.68 -1.67
CA GLY A 181 -17.77 -17.00 -0.86
C GLY A 181 -19.20 -17.35 -1.21
N LYS A 182 -19.44 -18.57 -1.68
CA LYS A 182 -20.77 -18.94 -2.13
C LYS A 182 -21.78 -18.88 -0.99
N GLN A 183 -21.40 -19.35 0.19
CA GLN A 183 -22.26 -19.32 1.37
C GLN A 183 -21.54 -18.55 2.46
N GLY A 184 -22.09 -17.41 2.86
CA GLY A 184 -21.53 -16.66 3.97
C GLY A 184 -21.76 -17.28 5.32
N ASN A 185 -22.74 -18.17 5.41
CA ASN A 185 -23.00 -18.94 6.62
C ASN A 185 -22.13 -20.18 6.73
N PHE A 186 -21.06 -20.25 5.94
CA PHE A 186 -20.16 -21.40 5.94
C PHE A 186 -18.73 -20.91 6.12
N LYS A 187 -17.82 -21.86 6.32
CA LYS A 187 -16.40 -21.59 6.42
C LYS A 187 -15.64 -22.60 5.58
N ASN A 188 -14.68 -22.09 4.81
CA ASN A 188 -13.85 -22.92 3.95
C ASN A 188 -12.71 -23.50 4.77
N LEU A 189 -12.61 -24.82 4.79
CA LEU A 189 -11.54 -25.53 5.48
C LEU A 189 -10.67 -26.24 4.45
N ARG A 190 -9.59 -25.58 4.04
CA ARG A 190 -8.64 -26.13 3.09
C ARG A 190 -7.62 -26.95 3.85
N GLU A 191 -7.20 -28.07 3.25
CA GLU A 191 -6.22 -28.95 3.84
C GLU A 191 -5.10 -29.24 2.84
N PHE A 192 -3.98 -29.73 3.35
CA PHE A 192 -2.83 -30.07 2.53
C PHE A 192 -1.99 -31.11 3.24
N VAL A 193 -1.09 -31.74 2.48
CA VAL A 193 -0.14 -32.70 3.01
C VAL A 193 1.09 -32.69 2.12
N PHE A 194 2.26 -32.49 2.72
CA PHE A 194 3.50 -32.37 1.97
C PHE A 194 4.47 -33.46 2.41
N LYS A 195 5.04 -34.15 1.43
CA LYS A 195 6.04 -35.18 1.68
C LYS A 195 7.17 -35.02 0.68
N ASN A 196 8.37 -35.35 1.11
CA ASN A 196 9.54 -35.37 0.24
C ASN A 196 10.15 -36.77 0.23
N ILE A 197 9.30 -37.78 0.10
CA ILE A 197 9.73 -39.16 0.26
C ILE A 197 10.48 -39.60 -0.97
N ASP A 198 11.67 -40.15 -0.76
CA ASP A 198 12.45 -40.79 -1.82
C ASP A 198 12.69 -39.85 -3.01
N GLY A 199 12.98 -38.59 -2.74
CA GLY A 199 13.34 -37.68 -3.81
C GLY A 199 12.20 -37.23 -4.68
N TYR A 200 10.97 -37.47 -4.29
CA TYR A 200 9.79 -37.01 -5.02
C TYR A 200 8.95 -36.14 -4.10
N PHE A 201 8.59 -34.95 -4.59
CA PHE A 201 7.77 -34.04 -3.82
C PHE A 201 6.30 -34.31 -4.11
N LYS A 202 5.54 -34.66 -3.08
CA LYS A 202 4.16 -35.07 -3.24
C LYS A 202 3.25 -34.16 -2.43
N ILE A 203 2.11 -33.80 -3.02
CA ILE A 203 1.16 -32.89 -2.41
C ILE A 203 -0.24 -33.44 -2.62
N TYR A 204 -1.06 -33.40 -1.58
CA TYR A 204 -2.47 -33.73 -1.66
C TYR A 204 -3.28 -32.48 -1.38
N SER A 205 -4.60 -32.63 -1.32
CA SER A 205 -5.46 -31.50 -1.00
C SER A 205 -6.88 -31.99 -0.84
N LYS A 206 -7.71 -31.12 -0.26
CA LYS A 206 -9.15 -31.35 -0.16
C LYS A 206 -9.79 -30.06 0.32
N HIS A 207 -10.90 -29.69 -0.31
CA HIS A 207 -11.65 -28.51 0.06
C HIS A 207 -12.97 -28.97 0.67
N THR A 208 -13.27 -28.43 1.85
CA THR A 208 -14.37 -28.95 2.64
C THR A 208 -15.26 -27.84 3.17
N PRO A 209 -16.58 -27.94 3.05
CA PRO A 209 -17.46 -26.92 3.63
C PRO A 209 -17.75 -27.22 5.09
N ILE A 210 -17.64 -26.20 5.93
CA ILE A 210 -17.94 -26.30 7.36
C ILE A 210 -18.42 -24.95 7.85
N ASN A 211 -19.32 -24.97 8.84
CA ASN A 211 -19.83 -23.74 9.42
C ASN A 211 -19.88 -23.79 10.95
N LEU A 212 -19.75 -24.98 11.53
CA LEU A 212 -20.05 -25.13 12.95
C LEU A 212 -19.09 -24.30 13.81
N VAL A 213 -17.81 -24.66 13.85
CA VAL A 213 -16.87 -24.09 14.80
C VAL A 213 -15.52 -23.92 14.14
N ARG A 214 -14.64 -23.18 14.82
CA ARG A 214 -13.28 -23.02 14.34
C ARG A 214 -12.48 -24.31 14.47
N ASP A 215 -12.88 -25.16 15.42
CA ASP A 215 -12.16 -26.40 15.74
C ASP A 215 -12.18 -27.37 14.54
N LEU A 216 -11.09 -28.09 14.32
CA LEU A 216 -11.05 -29.09 13.25
C LEU A 216 -12.18 -30.10 13.47
N PRO A 217 -13.01 -30.37 12.48
CA PRO A 217 -14.25 -31.10 12.73
C PRO A 217 -14.06 -32.60 12.64
N GLN A 218 -14.96 -33.32 13.32
CA GLN A 218 -15.03 -34.75 13.18
C GLN A 218 -15.30 -35.13 11.72
N GLY A 219 -15.10 -36.40 11.41
CA GLY A 219 -15.41 -36.91 10.07
C GLY A 219 -14.20 -37.05 9.17
N PHE A 220 -14.18 -38.08 8.34
CA PHE A 220 -13.07 -38.31 7.44
C PHE A 220 -13.09 -37.31 6.29
N SER A 221 -11.93 -37.09 5.67
CA SER A 221 -11.81 -36.19 4.53
C SER A 221 -11.23 -36.85 3.28
N ALA A 222 -10.32 -37.81 3.44
CA ALA A 222 -9.79 -38.59 2.32
C ALA A 222 -9.13 -37.69 1.27
N LEU A 223 -8.04 -37.06 1.69
CA LEU A 223 -7.31 -36.16 0.81
C LEU A 223 -6.89 -36.88 -0.46
N GLU A 224 -6.62 -36.11 -1.51
CA GLU A 224 -6.38 -36.65 -2.84
C GLU A 224 -5.17 -35.97 -3.49
N PRO A 225 -4.50 -36.64 -4.43
CA PRO A 225 -3.25 -36.11 -4.97
C PRO A 225 -3.46 -34.88 -5.85
N LEU A 226 -2.44 -34.03 -5.90
CA LEU A 226 -2.51 -32.80 -6.67
C LEU A 226 -1.41 -32.73 -7.73
N VAL A 227 -0.16 -32.95 -7.35
CA VAL A 227 0.97 -32.83 -8.26
C VAL A 227 2.15 -33.62 -7.70
N ASP A 228 3.07 -33.98 -8.59
CA ASP A 228 4.32 -34.64 -8.23
C ASP A 228 5.41 -34.13 -9.15
N LEU A 229 6.48 -33.57 -8.58
CA LEU A 229 7.56 -33.01 -9.37
C LEU A 229 8.91 -33.51 -8.87
N PRO A 230 9.86 -33.76 -9.76
CA PRO A 230 11.20 -34.25 -9.35
C PRO A 230 12.17 -33.11 -9.06
N ILE A 231 11.93 -32.39 -7.96
CA ILE A 231 12.82 -31.31 -7.59
C ILE A 231 14.20 -31.84 -7.20
N GLY A 232 14.24 -32.89 -6.40
CA GLY A 232 15.50 -33.43 -5.92
C GLY A 232 16.22 -32.46 -5.00
N ILE A 233 15.55 -32.06 -3.93
CA ILE A 233 16.08 -31.09 -2.98
C ILE A 233 15.97 -31.65 -1.57
N ASN A 234 16.85 -31.16 -0.70
CA ASN A 234 16.79 -31.46 0.72
C ASN A 234 15.98 -30.39 1.42
N ILE A 235 15.10 -30.81 2.33
CA ILE A 235 14.13 -29.91 2.94
C ILE A 235 14.21 -30.05 4.46
N THR A 236 14.45 -28.93 5.14
CA THR A 236 14.40 -28.88 6.60
C THR A 236 13.65 -27.69 7.17
N ARG A 237 13.53 -26.58 6.44
CA ARG A 237 12.87 -25.38 6.94
C ARG A 237 11.81 -24.94 5.96
N PHE A 238 10.60 -24.68 6.47
CA PHE A 238 9.50 -24.24 5.63
C PHE A 238 8.78 -23.07 6.28
N GLN A 239 8.43 -22.08 5.47
CA GLN A 239 7.79 -20.87 5.94
C GLN A 239 6.63 -20.53 5.00
N THR A 240 5.57 -19.95 5.57
CA THR A 240 4.37 -19.66 4.82
C THR A 240 4.33 -18.19 4.40
N LEU A 241 3.58 -17.92 3.34
CA LEU A 241 3.47 -16.58 2.75
C LEU A 241 2.04 -16.08 2.88
N LEU A 242 1.88 -14.75 2.94
CA LEU A 242 0.58 -14.12 3.10
C LEU A 242 0.43 -12.99 2.10
N ALA A 243 -0.83 -12.59 1.84
CA ALA A 243 -1.12 -11.51 0.91
C ALA A 243 -1.39 -10.20 1.63
N LEU A 244 -0.34 -9.53 2.11
CA LEU A 244 -0.52 -8.27 2.83
C LEU A 244 -0.71 -7.12 1.86
N HIS A 245 -1.89 -6.51 1.88
CA HIS A 245 -2.21 -5.44 0.95
C HIS A 245 -1.77 -4.09 1.50
N ARG A 246 -1.19 -3.28 0.63
CA ARG A 246 -0.78 -1.93 1.01
C ARG A 246 -1.96 -1.19 1.61
N SER A 247 -1.85 -0.83 2.88
CA SER A 247 -2.88 -0.06 3.56
C SER A 247 -2.65 1.41 3.22
N TYR A 248 -3.16 1.83 2.07
CA TYR A 248 -3.02 3.23 1.68
C TYR A 248 -3.61 4.12 2.76
N LEU A 249 -2.74 4.84 3.47
CA LEU A 249 -3.17 5.60 4.62
C LEU A 249 -4.26 6.59 4.23
N THR A 250 -5.36 6.57 4.99
CA THR A 250 -6.47 7.46 4.66
C THR A 250 -6.01 8.91 4.60
N PRO A 251 -5.27 9.44 5.57
CA PRO A 251 -4.59 10.74 5.41
C PRO A 251 -3.76 10.79 4.13
N SER A 256 0.45 0.38 9.49
CA SER A 256 1.30 1.27 8.70
C SER A 256 2.14 0.47 7.71
N GLY A 257 2.21 0.96 6.48
CA GLY A 257 2.96 0.29 5.44
C GLY A 257 2.18 -0.83 4.78
N TRP A 258 1.75 -1.81 5.57
CA TRP A 258 0.99 -2.93 5.05
C TRP A 258 0.18 -3.54 6.19
N THR A 259 -0.81 -4.35 5.83
CA THR A 259 -1.63 -5.01 6.83
C THR A 259 -2.56 -6.00 6.15
N ALA A 260 -3.35 -6.70 6.98
CA ALA A 260 -4.35 -7.64 6.51
C ALA A 260 -5.26 -7.96 7.68
N GLY A 261 -6.14 -8.93 7.49
CA GLY A 261 -7.16 -9.24 8.49
C GLY A 261 -7.25 -10.72 8.83
N ALA A 262 -6.97 -11.04 10.10
CA ALA A 262 -7.29 -12.33 10.70
C ALA A 262 -6.74 -13.52 9.91
N ALA A 263 -5.43 -13.67 9.85
CA ALA A 263 -4.84 -14.85 9.22
C ALA A 263 -4.49 -15.90 10.26
N ALA A 264 -4.89 -17.15 10.00
CA ALA A 264 -4.68 -18.24 10.94
C ALA A 264 -4.57 -19.55 10.17
N TYR A 265 -4.07 -20.57 10.86
CA TYR A 265 -3.95 -21.90 10.26
C TYR A 265 -3.54 -22.90 11.33
N TYR A 266 -3.41 -24.16 10.92
CA TYR A 266 -3.01 -25.25 11.78
C TYR A 266 -1.77 -25.91 11.20
N VAL A 267 -0.96 -26.53 12.06
CA VAL A 267 0.20 -27.29 11.62
C VAL A 267 0.41 -28.47 12.56
N GLY A 268 0.16 -29.69 12.06
CA GLY A 268 0.56 -30.90 12.73
C GLY A 268 1.87 -31.39 12.13
N TYR A 269 2.25 -32.60 12.53
CA TYR A 269 3.44 -33.24 11.98
C TYR A 269 3.15 -34.71 11.70
N LEU A 270 3.80 -35.25 10.68
CA LEU A 270 3.68 -36.66 10.37
C LEU A 270 4.70 -37.47 11.14
N GLN A 271 4.49 -38.77 11.21
CA GLN A 271 5.41 -39.70 11.81
C GLN A 271 5.43 -41.00 11.01
N PRO A 272 6.53 -41.74 11.03
CA PRO A 272 6.58 -42.99 10.25
C PRO A 272 5.60 -44.03 10.76
N ARG A 273 4.91 -43.71 11.84
CA ARG A 273 3.99 -44.66 12.45
C ARG A 273 3.00 -45.19 11.41
N THR A 274 2.38 -46.31 11.74
CA THR A 274 1.39 -46.92 10.87
C THR A 274 0.60 -47.98 11.63
N GLN B 1 6.67 8.53 5.74
CA GLN B 1 5.63 8.36 4.70
C GLN B 1 6.21 8.58 3.31
N VAL B 2 6.51 9.84 2.98
CA VAL B 2 7.07 10.19 1.68
C VAL B 2 7.96 11.41 1.85
N ARG B 3 9.07 11.41 1.11
CA ARG B 3 9.99 12.53 1.07
C ARG B 3 10.30 12.87 -0.38
N VAL B 4 10.16 14.16 -0.73
CA VAL B 4 10.31 14.62 -2.09
C VAL B 4 11.47 15.62 -2.13
N VAL B 5 12.40 15.40 -3.04
CA VAL B 5 13.59 16.24 -3.18
C VAL B 5 13.66 16.76 -4.62
N GLN B 6 14.04 18.02 -4.76
CA GLN B 6 14.18 18.63 -6.09
C GLN B 6 15.31 19.65 -6.03
N SER B 7 15.87 19.94 -7.20
CA SER B 7 16.93 20.93 -7.31
C SER B 7 16.85 21.58 -8.68
N GLY B 8 16.79 22.90 -8.70
CA GLY B 8 16.69 23.66 -9.94
C GLY B 8 17.52 24.92 -9.93
N ALA B 9 18.59 24.95 -9.11
CA ALA B 9 19.44 26.11 -8.97
C ALA B 9 20.57 26.16 -10.00
N GLU B 10 20.42 25.47 -11.13
CA GLU B 10 21.46 25.46 -12.15
C GLU B 10 21.56 26.84 -12.78
N VAL B 11 22.73 27.46 -12.65
CA VAL B 11 22.95 28.80 -13.20
C VAL B 11 23.33 28.64 -14.67
N LYS B 12 22.57 29.28 -15.56
CA LYS B 12 22.80 29.20 -16.98
C LYS B 12 22.33 30.48 -17.65
N ASN B 13 22.29 30.47 -18.98
CA ASN B 13 21.99 31.68 -19.73
C ASN B 13 20.60 31.62 -20.35
N PRO B 14 20.01 32.76 -20.69
CA PRO B 14 18.65 32.77 -21.26
C PRO B 14 18.62 32.20 -22.66
N GLY B 15 17.43 31.73 -23.05
CA GLY B 15 17.18 31.28 -24.39
C GLY B 15 17.09 29.78 -24.59
N ALA B 16 16.54 29.05 -23.62
CA ALA B 16 16.42 27.60 -23.75
C ALA B 16 15.43 27.09 -22.70
N SER B 17 15.26 25.77 -22.69
CA SER B 17 14.32 25.14 -21.77
C SER B 17 14.97 24.88 -20.42
N VAL B 18 14.17 24.34 -19.50
CA VAL B 18 14.62 24.01 -18.16
C VAL B 18 14.00 22.68 -17.74
N LYS B 19 14.77 21.87 -17.03
CA LYS B 19 14.33 20.58 -16.55
C LYS B 19 14.27 20.59 -15.02
N VAL B 20 13.18 20.04 -14.49
CA VAL B 20 12.97 19.94 -13.05
C VAL B 20 12.57 18.52 -12.71
N SER B 21 13.16 18.00 -11.63
CA SER B 21 12.94 16.62 -11.23
C SER B 21 12.34 16.58 -9.83
N CYS B 22 11.82 15.41 -9.47
CA CYS B 22 11.22 15.20 -8.15
C CYS B 22 11.52 13.77 -7.73
N LYS B 23 12.59 13.59 -6.96
CA LYS B 23 12.90 12.28 -6.41
C LYS B 23 11.88 11.95 -5.32
N VAL B 24 11.24 10.78 -5.44
CA VAL B 24 10.19 10.37 -4.53
C VAL B 24 10.71 9.20 -3.70
N SER B 25 10.79 9.41 -2.39
CA SER B 25 11.23 8.39 -1.43
C SER B 25 10.02 7.96 -0.60
N GLY B 26 9.82 6.65 -0.48
CA GLY B 26 8.68 6.13 0.23
C GLY B 26 7.73 5.42 -0.70
N TYR B 27 6.54 5.99 -0.91
CA TYR B 27 5.63 5.44 -1.90
C TYR B 27 6.30 5.38 -3.26
N THR B 28 6.16 4.25 -3.93
CA THR B 28 6.73 4.10 -5.26
C THR B 28 6.03 5.03 -6.24
N LEU B 29 6.78 5.46 -7.26
CA LEU B 29 6.24 6.45 -8.19
C LEU B 29 4.99 5.96 -8.91
N THR B 30 4.76 4.64 -8.93
CA THR B 30 3.55 4.12 -9.56
C THR B 30 2.35 4.16 -8.63
N GLU B 31 2.53 4.57 -7.37
CA GLU B 31 1.46 4.55 -6.39
C GLU B 31 0.85 5.93 -6.13
N LEU B 32 1.59 7.00 -6.36
CA LEU B 32 1.16 8.35 -6.01
C LEU B 32 1.11 9.23 -7.25
N SER B 33 -0.04 9.87 -7.46
CA SER B 33 -0.17 10.84 -8.54
C SER B 33 0.66 12.07 -8.23
N ILE B 34 0.86 12.90 -9.25
CA ILE B 34 1.69 14.09 -9.13
C ILE B 34 0.98 15.29 -9.73
N HIS B 35 1.34 16.47 -9.24
CA HIS B 35 0.89 17.74 -9.80
C HIS B 35 2.04 18.72 -9.78
N TRP B 36 1.78 19.93 -10.26
CA TRP B 36 2.80 20.97 -10.33
C TRP B 36 2.16 22.34 -10.08
N VAL B 37 2.99 23.27 -9.63
CA VAL B 37 2.54 24.61 -9.28
C VAL B 37 3.73 25.56 -9.33
N ARG B 38 3.47 26.80 -9.73
CA ARG B 38 4.50 27.81 -9.87
C ARG B 38 4.14 29.04 -9.06
N GLN B 39 5.15 29.61 -8.39
CA GLN B 39 4.97 30.81 -7.58
C GLN B 39 6.11 31.77 -7.90
N ALA B 40 5.82 32.78 -8.70
CA ALA B 40 6.84 33.77 -9.04
C ALA B 40 7.13 34.64 -7.82
N PRO B 41 8.33 35.23 -7.75
CA PRO B 41 8.65 36.11 -6.63
C PRO B 41 7.67 37.29 -6.56
N GLY B 42 7.29 37.66 -5.34
CA GLY B 42 6.30 38.68 -5.18
C GLY B 42 4.96 38.37 -5.80
N ASN B 43 4.67 37.09 -6.01
CA ASN B 43 3.41 36.67 -6.61
C ASN B 43 2.98 35.35 -5.99
N GLY B 44 1.67 35.10 -6.03
CA GLY B 44 1.13 33.89 -5.48
C GLY B 44 1.39 32.70 -6.37
N LEU B 45 1.03 31.53 -5.85
CA LEU B 45 1.18 30.29 -6.60
C LEU B 45 0.26 30.30 -7.81
N GLU B 46 0.36 29.23 -8.61
CA GLU B 46 -0.50 29.07 -9.77
C GLU B 46 -0.49 27.61 -10.19
N TRP B 47 -1.67 27.00 -10.23
CA TRP B 47 -1.78 25.60 -10.65
C TRP B 47 -1.60 25.49 -12.15
N MET B 48 -0.71 24.59 -12.57
CA MET B 48 -0.42 24.36 -13.97
C MET B 48 -1.04 23.09 -14.51
N GLY B 49 -0.79 21.95 -13.88
CA GLY B 49 -1.31 20.69 -14.35
C GLY B 49 -0.90 19.57 -13.42
N GLY B 50 -1.44 18.39 -13.71
CA GLY B 50 -1.12 17.22 -12.93
C GLY B 50 -1.89 16.00 -13.42
N PHE B 51 -1.56 14.87 -12.81
CA PHE B 51 -2.16 13.61 -13.22
C PHE B 51 -3.62 13.55 -12.84
N ASP B 52 -4.43 12.94 -13.71
CA ASP B 52 -5.82 12.66 -13.38
C ASP B 52 -5.91 11.19 -12.96
N PRO B 53 -5.96 10.89 -11.66
CA PRO B 53 -5.98 9.47 -11.26
C PRO B 53 -7.14 8.69 -11.83
N GLU B 54 -8.30 9.30 -12.04
CA GLU B 54 -9.45 8.59 -12.58
C GLU B 54 -9.49 8.58 -14.09
N ASP B 55 -8.63 9.35 -14.75
CA ASP B 55 -8.63 9.38 -16.21
C ASP B 55 -7.34 8.81 -16.78
N GLY B 56 -6.34 8.56 -15.95
CA GLY B 56 -5.09 8.04 -16.44
C GLY B 56 -4.38 8.95 -17.41
N GLU B 57 -4.45 10.26 -17.19
CA GLU B 57 -3.83 11.23 -18.09
C GLU B 57 -3.37 12.44 -17.30
N THR B 58 -2.48 13.21 -17.90
CA THR B 58 -1.99 14.45 -17.32
C THR B 58 -2.51 15.61 -18.16
N ILE B 59 -3.26 16.52 -17.54
CA ILE B 59 -3.95 17.59 -18.24
C ILE B 59 -3.41 18.92 -17.73
N TYR B 60 -2.99 19.77 -18.66
CA TYR B 60 -2.47 21.09 -18.35
C TYR B 60 -3.60 22.09 -18.15
N ALA B 61 -3.24 23.24 -17.60
CA ALA B 61 -4.17 24.37 -17.57
C ALA B 61 -4.14 25.08 -18.92
N GLN B 62 -5.25 25.75 -19.24
CA GLN B 62 -5.37 26.38 -20.55
C GLN B 62 -4.22 27.36 -20.80
N LYS B 63 -3.73 28.03 -19.74
CA LYS B 63 -2.64 28.98 -19.92
C LYS B 63 -1.39 28.31 -20.44
N PHE B 64 -1.16 27.05 -20.08
CA PHE B 64 0.10 26.38 -20.36
C PHE B 64 0.02 25.35 -21.46
N GLN B 65 -1.02 25.40 -22.29
CA GLN B 65 -1.18 24.40 -23.35
C GLN B 65 -0.04 24.51 -24.37
N GLY B 66 0.74 23.44 -24.50
CA GLY B 66 1.80 23.38 -25.49
C GLY B 66 3.11 24.01 -25.07
N ARG B 67 3.21 24.54 -23.87
CA ARG B 67 4.44 25.23 -23.46
C ARG B 67 5.44 24.28 -22.81
N VAL B 68 4.98 23.28 -22.08
CA VAL B 68 5.85 22.45 -21.25
C VAL B 68 5.41 21.00 -21.36
N THR B 69 6.38 20.10 -21.26
CA THR B 69 6.14 18.66 -21.28
C THR B 69 6.52 18.09 -19.93
N MET B 70 5.63 17.28 -19.35
CA MET B 70 5.84 16.68 -18.05
C MET B 70 5.69 15.17 -18.17
N THR B 71 6.73 14.44 -17.75
CA THR B 71 6.75 12.99 -17.86
C THR B 71 7.39 12.41 -16.60
N GLU B 72 7.33 11.09 -16.49
CA GLU B 72 7.92 10.39 -15.36
C GLU B 72 8.48 9.07 -15.83
N ASP B 73 9.42 8.53 -15.05
CA ASP B 73 10.10 7.27 -15.38
C ASP B 73 10.31 6.50 -14.09
N THR B 74 9.52 5.45 -13.89
CA THR B 74 9.56 4.70 -12.64
C THR B 74 10.89 3.99 -12.42
N SER B 75 11.70 3.80 -13.47
CA SER B 75 13.01 3.20 -13.26
C SER B 75 13.91 4.10 -12.42
N THR B 76 13.80 5.42 -12.61
CA THR B 76 14.56 6.38 -11.82
C THR B 76 13.70 7.11 -10.80
N ASP B 77 12.37 7.01 -10.89
CA ASP B 77 11.47 7.66 -9.94
C ASP B 77 11.68 9.17 -9.90
N THR B 78 11.97 9.75 -11.06
CA THR B 78 12.19 11.18 -11.20
C THR B 78 11.14 11.77 -12.14
N ALA B 79 10.10 12.35 -11.57
CA ALA B 79 9.09 13.03 -12.37
C ALA B 79 9.70 14.25 -13.05
N TYR B 80 9.74 14.19 -14.38
CA TYR B 80 10.40 15.21 -15.17
C TYR B 80 9.38 16.19 -15.73
N MET B 81 9.79 17.46 -15.82
CA MET B 81 9.00 18.48 -16.46
C MET B 81 9.93 19.49 -17.11
N GLU B 82 10.00 19.43 -18.44
CA GLU B 82 10.86 20.31 -19.23
C GLU B 82 10.04 21.48 -19.72
N LEU B 83 10.21 22.64 -19.08
CA LEU B 83 9.53 23.87 -19.48
C LEU B 83 10.35 24.54 -20.56
N SER B 84 9.71 24.84 -21.68
CA SER B 84 10.41 25.26 -22.89
C SER B 84 10.54 26.78 -22.97
N SER B 85 11.67 27.21 -23.53
CA SER B 85 11.89 28.62 -23.86
C SER B 85 11.81 29.51 -22.63
N LEU B 86 12.74 29.30 -21.70
CA LEU B 86 12.87 30.17 -20.54
C LEU B 86 14.07 31.09 -20.69
N ARG B 87 14.03 32.21 -19.97
CA ARG B 87 15.10 33.19 -19.98
C ARG B 87 15.37 33.66 -18.56
N SER B 88 16.25 34.64 -18.43
CA SER B 88 16.69 35.09 -17.12
C SER B 88 15.55 35.69 -16.32
N ASP B 89 14.73 36.53 -16.97
CA ASP B 89 13.67 37.24 -16.25
C ASP B 89 12.62 36.29 -15.68
N ASP B 90 12.51 35.07 -16.20
CA ASP B 90 11.47 34.14 -15.81
C ASP B 90 11.89 33.22 -14.66
N THR B 91 13.10 33.38 -14.13
CA THR B 91 13.54 32.52 -13.04
C THR B 91 12.62 32.66 -11.84
N ALA B 92 12.24 31.53 -11.25
CA ALA B 92 11.34 31.53 -10.11
C ALA B 92 11.38 30.15 -9.46
N VAL B 93 10.64 30.00 -8.37
CA VAL B 93 10.63 28.76 -7.61
C VAL B 93 9.57 27.83 -8.18
N TYR B 94 9.91 26.55 -8.27
CA TYR B 94 9.00 25.51 -8.77
C TYR B 94 8.98 24.36 -7.77
N TYR B 95 7.78 23.83 -7.53
CA TYR B 95 7.56 22.82 -6.50
C TYR B 95 6.94 21.57 -7.11
N CYS B 96 7.14 20.44 -6.44
CA CYS B 96 6.44 19.22 -6.79
C CYS B 96 5.11 19.14 -6.03
N ALA B 97 4.41 18.03 -6.20
CA ALA B 97 3.14 17.81 -5.50
C ALA B 97 2.72 16.37 -5.77
N THR B 98 2.25 15.68 -4.72
CA THR B 98 1.98 14.25 -4.84
C THR B 98 0.78 13.85 -4.01
N ALA B 99 0.17 12.74 -4.41
CA ALA B 99 -0.94 12.11 -3.69
C ALA B 99 -1.30 10.83 -4.43
N GLY B 100 -2.16 10.02 -3.81
CA GLY B 100 -2.53 8.74 -4.38
C GLY B 100 -4.01 8.40 -4.29
N ALA B 101 -4.31 7.13 -4.04
CA ALA B 101 -5.68 6.66 -3.87
C ALA B 101 -5.87 6.23 -2.42
N ILE B 102 -7.09 6.38 -1.91
CA ILE B 102 -7.30 6.26 -0.47
C ILE B 102 -7.75 4.86 -0.06
N THR B 103 -8.70 4.28 -0.79
CA THR B 103 -9.36 3.04 -0.38
C THR B 103 -8.45 1.84 -0.53
N GLY B 104 -8.73 0.80 0.26
CA GLY B 104 -7.97 -0.43 0.17
C GLY B 104 -8.40 -1.27 -1.01
N THR B 105 -7.68 -2.38 -1.20
CA THR B 105 -7.93 -3.29 -2.32
C THR B 105 -9.39 -3.57 -2.68
N PRO B 106 -10.25 -4.09 -1.77
CA PRO B 106 -11.69 -4.07 -2.08
C PRO B 106 -12.31 -2.70 -1.82
N ARG B 107 -11.85 -1.71 -2.60
CA ARG B 107 -12.18 -0.33 -2.31
C ARG B 107 -13.69 -0.11 -2.31
N ASN B 108 -14.09 1.04 -1.76
CA ASN B 108 -15.48 1.45 -1.77
C ASN B 108 -15.70 2.73 -2.57
N PHE B 109 -14.63 3.41 -2.97
CA PHE B 109 -14.76 4.69 -3.66
C PHE B 109 -13.38 5.17 -4.09
N TYR B 110 -13.36 6.02 -5.12
CA TYR B 110 -12.15 6.66 -5.59
C TYR B 110 -11.74 7.75 -4.60
N TYR B 111 -10.79 8.59 -5.02
CA TYR B 111 -10.46 9.78 -4.24
C TYR B 111 -9.76 10.81 -5.12
N TYR B 112 -10.21 12.06 -5.00
CA TYR B 112 -9.55 13.22 -5.59
C TYR B 112 -8.79 13.91 -4.47
N TYR B 113 -7.57 13.45 -4.20
CA TYR B 113 -6.82 13.99 -3.07
C TYR B 113 -6.16 15.32 -3.39
N GLY B 114 -6.04 15.67 -4.67
CA GLY B 114 -5.37 16.90 -5.03
C GLY B 114 -3.90 16.85 -4.72
N MET B 115 -3.46 17.60 -3.70
CA MET B 115 -2.06 17.63 -3.32
C MET B 115 -1.96 17.97 -1.83
N ASP B 116 -1.08 17.25 -1.13
CA ASP B 116 -0.93 17.43 0.30
C ASP B 116 0.50 17.47 0.80
N VAL B 117 1.47 16.88 0.09
CA VAL B 117 2.87 16.92 0.51
C VAL B 117 3.67 17.52 -0.63
N TRP B 118 4.57 18.44 -0.29
CA TRP B 118 5.28 19.26 -1.26
C TRP B 118 6.78 19.08 -1.10
N GLY B 119 7.50 19.33 -2.18
CA GLY B 119 8.95 19.29 -2.13
C GLY B 119 9.52 20.59 -1.57
N GLN B 120 10.84 20.61 -1.43
CA GLN B 120 11.51 21.79 -0.91
C GLN B 120 11.41 22.98 -1.85
N GLY B 121 11.18 22.74 -3.14
CA GLY B 121 11.15 23.82 -4.11
C GLY B 121 12.54 24.17 -4.61
N THR B 122 12.61 24.96 -5.67
CA THR B 122 13.89 25.38 -6.22
C THR B 122 13.67 26.51 -7.22
N THR B 123 14.47 27.55 -7.07
CA THR B 123 14.46 28.67 -8.01
C THR B 123 15.06 28.21 -9.33
N VAL B 124 14.28 28.27 -10.40
CA VAL B 124 14.79 27.90 -11.71
C VAL B 124 15.69 29.03 -12.18
N THR B 125 17.00 28.85 -12.01
CA THR B 125 17.95 29.93 -12.20
C THR B 125 18.33 30.07 -13.67
N VAL B 126 18.08 31.25 -14.24
CA VAL B 126 18.49 31.58 -15.59
C VAL B 126 19.10 32.97 -15.54
N SER B 127 20.27 33.12 -16.14
CA SER B 127 20.98 34.40 -16.12
C SER B 127 22.21 34.37 -17.02
N ASP C 1 -17.01 29.37 -14.22
CA ASP C 1 -15.70 28.93 -13.66
C ASP C 1 -15.69 29.12 -12.15
N ILE C 2 -14.77 28.43 -11.47
CA ILE C 2 -14.68 28.49 -10.02
C ILE C 2 -13.49 29.34 -9.61
N VAL C 3 -13.76 30.40 -8.87
CA VAL C 3 -12.74 31.24 -8.25
C VAL C 3 -12.73 30.95 -6.76
N MET C 4 -11.72 31.48 -6.08
CA MET C 4 -11.62 31.36 -4.63
C MET C 4 -10.96 32.62 -4.08
N THR C 5 -11.75 33.41 -3.36
CA THR C 5 -11.29 34.68 -2.81
C THR C 5 -11.67 34.77 -1.35
N GLN C 6 -10.81 35.42 -0.56
CA GLN C 6 -11.04 35.62 0.86
C GLN C 6 -11.33 37.08 1.13
N THR C 7 -12.30 37.33 2.01
CA THR C 7 -12.82 38.67 2.24
C THR C 7 -11.74 39.64 2.74
N PRO C 8 -10.92 39.26 3.71
CA PRO C 8 -10.00 40.24 4.28
C PRO C 8 -8.79 40.48 3.40
N LEU C 9 -8.33 41.74 3.40
CA LEU C 9 -7.09 42.07 2.70
C LEU C 9 -5.88 41.61 3.48
N SER C 10 -5.84 41.90 4.78
CA SER C 10 -4.80 41.41 5.67
C SER C 10 -5.46 41.12 7.03
N SER C 11 -4.79 40.28 7.82
CA SER C 11 -5.34 39.81 9.09
C SER C 11 -4.30 40.00 10.19
N PRO C 12 -4.05 41.25 10.58
CA PRO C 12 -3.21 41.49 11.76
C PRO C 12 -3.98 41.15 13.03
N VAL C 13 -3.35 40.37 13.91
CA VAL C 13 -4.00 39.86 15.11
C VAL C 13 -3.06 40.05 16.30
N THR C 14 -3.50 39.55 17.45
CA THR C 14 -2.74 39.62 18.69
C THR C 14 -2.61 38.22 19.28
N LEU C 15 -1.59 38.04 20.13
CA LEU C 15 -1.33 36.73 20.71
C LEU C 15 -2.47 36.28 21.61
N GLY C 16 -2.78 34.99 21.55
CA GLY C 16 -3.67 34.36 22.49
C GLY C 16 -5.14 34.37 22.13
N GLN C 17 -5.56 35.21 21.19
CA GLN C 17 -6.97 35.30 20.87
C GLN C 17 -7.30 34.47 19.63
N PRO C 18 -8.55 34.07 19.47
CA PRO C 18 -8.93 33.30 18.28
C PRO C 18 -8.93 34.16 17.02
N ALA C 19 -9.11 33.50 15.89
CA ALA C 19 -9.11 34.16 14.60
C ALA C 19 -9.99 33.39 13.63
N SER C 20 -10.41 34.08 12.57
CA SER C 20 -11.25 33.48 11.55
C SER C 20 -11.01 34.19 10.23
N ILE C 21 -11.36 33.51 9.14
CA ILE C 21 -11.22 34.06 7.80
C ILE C 21 -12.22 33.35 6.90
N SER C 22 -12.69 34.07 5.87
CA SER C 22 -13.69 33.56 4.95
C SER C 22 -13.10 33.42 3.54
N CYS C 23 -13.69 32.52 2.76
CA CYS C 23 -13.28 32.27 1.39
C CYS C 23 -14.52 32.14 0.52
N ARG C 24 -14.52 32.80 -0.64
CA ARG C 24 -15.69 32.84 -1.50
C ARG C 24 -15.31 32.43 -2.91
N SER C 25 -16.28 31.87 -3.62
CA SER C 25 -16.07 31.33 -4.96
C SER C 25 -17.16 31.82 -5.88
N SER C 26 -17.18 31.28 -7.10
CA SER C 26 -18.22 31.62 -8.07
C SER C 26 -19.21 30.48 -8.29
N GLN C 27 -18.84 29.24 -7.97
CA GLN C 27 -19.74 28.11 -8.08
C GLN C 27 -19.61 27.25 -6.83
N SER C 28 -20.41 26.18 -6.78
CA SER C 28 -20.35 25.26 -5.66
C SER C 28 -19.14 24.34 -5.81
N LEU C 29 -18.94 23.50 -4.79
CA LEU C 29 -17.83 22.55 -4.77
C LEU C 29 -18.26 21.13 -4.45
N VAL C 30 -19.56 20.88 -4.29
CA VAL C 30 -20.02 19.54 -3.98
C VAL C 30 -19.64 18.60 -5.11
N HIS C 31 -19.23 17.39 -4.75
CA HIS C 31 -18.75 16.42 -5.73
C HIS C 31 -19.86 15.46 -6.13
N SER C 32 -19.67 14.81 -7.28
CA SER C 32 -20.64 13.83 -7.74
C SER C 32 -20.79 12.68 -6.75
N ASP C 33 -19.80 12.47 -5.88
CA ASP C 33 -19.90 11.46 -4.83
C ASP C 33 -20.91 11.84 -3.76
N GLY C 34 -21.43 13.06 -3.79
CA GLY C 34 -22.30 13.55 -2.75
C GLY C 34 -21.53 14.31 -1.70
N ASN C 35 -20.41 13.74 -1.26
CA ASN C 35 -19.55 14.45 -0.33
C ASN C 35 -18.79 15.56 -1.05
N THR C 36 -18.73 16.71 -0.39
CA THR C 36 -17.99 17.87 -0.90
C THR C 36 -16.55 17.78 -0.43
N TYR C 37 -15.63 18.27 -1.24
CA TYR C 37 -14.20 18.19 -0.96
C TYR C 37 -13.63 19.60 -0.90
N LEU C 38 -12.92 19.91 0.19
CA LEU C 38 -12.36 21.23 0.41
C LEU C 38 -11.05 21.09 1.15
N SER C 39 -10.17 22.09 0.99
CA SER C 39 -8.87 22.06 1.63
C SER C 39 -8.42 23.47 1.98
N TRP C 40 -7.51 23.56 2.93
CA TRP C 40 -6.91 24.81 3.37
C TRP C 40 -5.41 24.64 3.48
N LEU C 41 -4.67 25.73 3.24
CA LEU C 41 -3.21 25.69 3.25
C LEU C 41 -2.66 26.72 4.22
N GLN C 42 -1.46 26.45 4.71
CA GLN C 42 -0.70 27.39 5.53
C GLN C 42 0.75 27.36 5.09
N GLN C 43 1.38 28.54 5.04
CA GLN C 43 2.76 28.68 4.57
C GLN C 43 3.54 29.53 5.56
N ARG C 44 4.69 29.02 5.99
CA ARG C 44 5.62 29.84 6.75
C ARG C 44 6.64 30.47 5.81
N PRO C 45 7.20 31.62 6.17
CA PRO C 45 8.19 32.25 5.30
C PRO C 45 9.36 31.33 5.01
N GLY C 46 9.81 31.32 3.75
CA GLY C 46 10.90 30.47 3.34
C GLY C 46 10.61 28.99 3.41
N GLN C 47 9.34 28.59 3.48
CA GLN C 47 8.97 27.19 3.58
C GLN C 47 7.83 26.86 2.63
N PRO C 48 7.76 25.63 2.12
CA PRO C 48 6.63 25.26 1.28
C PRO C 48 5.38 25.13 2.12
N PRO C 49 4.20 25.34 1.51
CA PRO C 49 2.96 25.27 2.28
C PRO C 49 2.66 23.85 2.76
N ARG C 50 1.90 23.77 3.85
CA ARG C 50 1.42 22.51 4.38
C ARG C 50 -0.10 22.49 4.30
N LEU C 51 -0.66 21.34 3.91
CA LEU C 51 -2.10 21.21 3.86
C LEU C 51 -2.65 21.03 5.28
N LEU C 52 -3.45 22.00 5.71
CA LEU C 52 -4.08 21.96 7.03
C LEU C 52 -5.41 21.23 7.05
N ILE C 53 -6.14 21.25 5.94
CA ILE C 53 -7.45 20.62 5.84
C ILE C 53 -7.56 19.97 4.46
N TYR C 54 -8.16 18.79 4.41
CA TYR C 54 -8.41 18.12 3.14
C TYR C 54 -9.86 17.72 2.95
N LYS C 55 -10.77 18.14 3.82
CA LYS C 55 -12.20 18.08 3.57
C LYS C 55 -12.87 19.17 4.40
N ILE C 56 -14.11 19.48 4.04
CA ILE C 56 -14.82 20.58 4.70
C ILE C 56 -14.81 20.40 6.21
N SER C 57 -14.76 19.16 6.69
CA SER C 57 -14.92 18.87 8.11
C SER C 57 -13.78 18.05 8.69
N ASN C 58 -12.55 18.24 8.22
CA ASN C 58 -11.40 17.54 8.76
C ASN C 58 -10.19 18.47 8.78
N ARG C 59 -9.12 17.99 9.41
CA ARG C 59 -7.83 18.68 9.41
C ARG C 59 -6.73 17.65 9.23
N PHE C 60 -5.60 18.09 8.69
CA PHE C 60 -4.51 17.18 8.42
C PHE C 60 -3.77 16.82 9.71
N SER C 61 -3.10 15.67 9.67
CA SER C 61 -2.34 15.20 10.81
C SER C 61 -0.99 15.90 10.89
N GLY C 62 -0.44 15.95 12.10
CA GLY C 62 0.85 16.57 12.32
C GLY C 62 0.77 18.05 12.63
N VAL C 63 -0.19 18.74 12.01
CA VAL C 63 -0.37 20.17 12.22
C VAL C 63 -0.94 20.40 13.62
N PRO C 64 -0.83 21.60 14.16
CA PRO C 64 -1.29 21.82 15.54
C PRO C 64 -2.78 21.57 15.68
N ASP C 65 -3.17 21.15 16.89
CA ASP C 65 -4.57 20.93 17.19
C ASP C 65 -5.30 22.27 17.29
N ARG C 66 -6.62 22.19 17.42
CA ARG C 66 -7.48 23.36 17.53
C ARG C 66 -7.65 24.06 16.19
N PHE C 67 -6.97 23.56 15.16
CA PHE C 67 -7.17 24.09 13.81
C PHE C 67 -8.47 23.54 13.24
N SER C 68 -9.42 24.44 12.97
CA SER C 68 -10.74 24.03 12.54
C SER C 68 -11.26 24.98 11.48
N GLY C 69 -12.35 24.57 10.82
CA GLY C 69 -12.97 25.39 9.81
C GLY C 69 -14.45 25.08 9.71
N SER C 70 -15.18 25.99 9.09
CA SER C 70 -16.63 25.84 8.92
C SER C 70 -16.89 24.85 7.79
N GLY C 71 -17.30 23.63 8.14
CA GLY C 71 -17.50 22.58 7.16
C GLY C 71 -18.91 22.50 6.62
N ALA C 72 -19.32 23.51 5.85
CA ALA C 72 -20.64 23.51 5.23
C ALA C 72 -20.76 24.75 4.35
N GLY C 73 -21.86 24.81 3.61
CA GLY C 73 -22.15 25.98 2.80
C GLY C 73 -21.16 26.13 1.65
N THR C 74 -20.99 27.37 1.22
CA THR C 74 -20.03 27.72 0.18
C THR C 74 -19.13 28.90 0.54
N ASP C 75 -19.21 29.40 1.78
CA ASP C 75 -18.34 30.47 2.24
C ASP C 75 -17.51 29.96 3.41
N PHE C 76 -16.82 28.84 3.19
CA PHE C 76 -16.13 28.15 4.28
C PHE C 76 -15.13 29.08 4.95
N THR C 77 -14.74 28.71 6.17
CA THR C 77 -13.90 29.55 7.00
C THR C 77 -12.82 28.72 7.67
N LEU C 78 -11.72 29.36 8.03
CA LEU C 78 -10.63 28.75 8.76
C LEU C 78 -10.52 29.41 10.13
N LYS C 79 -10.61 28.60 11.19
CA LYS C 79 -10.67 29.11 12.55
C LYS C 79 -9.74 28.32 13.45
N ILE C 80 -9.17 29.01 14.43
CA ILE C 80 -8.31 28.40 15.45
C ILE C 80 -8.69 28.99 16.80
N SER C 81 -8.64 28.17 17.84
CA SER C 81 -8.96 28.65 19.18
C SER C 81 -7.85 29.53 19.75
N ARG C 82 -6.66 29.55 19.13
CA ARG C 82 -5.54 30.33 19.60
C ARG C 82 -4.70 30.78 18.42
N VAL C 83 -3.64 31.52 18.72
CA VAL C 83 -2.68 31.97 17.72
C VAL C 83 -1.35 32.18 18.41
N GLU C 84 -0.26 31.96 17.66
CA GLU C 84 1.08 32.05 18.20
C GLU C 84 1.95 32.91 17.31
N ALA C 85 3.16 33.20 17.79
CA ALA C 85 4.07 34.07 17.04
C ALA C 85 4.64 33.35 15.81
N GLU C 86 5.05 32.10 15.98
CA GLU C 86 5.68 31.37 14.88
C GLU C 86 4.72 31.12 13.72
N ASP C 87 3.42 31.31 13.92
CA ASP C 87 2.46 31.11 12.84
C ASP C 87 2.48 32.23 11.81
N VAL C 88 3.35 33.22 11.97
CA VAL C 88 3.43 34.31 11.01
C VAL C 88 3.65 33.74 9.61
N GLY C 89 2.91 34.26 8.65
CA GLY C 89 3.00 33.80 7.28
C GLY C 89 1.76 34.23 6.51
N VAL C 90 1.34 33.38 5.58
CA VAL C 90 0.19 33.63 4.72
C VAL C 90 -0.68 32.38 4.70
N TYR C 91 -1.89 32.55 4.16
CA TYR C 91 -2.87 31.48 4.09
C TYR C 91 -3.56 31.48 2.74
N TYR C 92 -4.16 30.34 2.39
CA TYR C 92 -4.88 30.18 1.13
C TYR C 92 -6.05 29.22 1.34
N CYS C 93 -6.99 29.26 0.40
CA CYS C 93 -8.05 28.29 0.30
C CYS C 93 -8.07 27.70 -1.11
N MET C 94 -8.24 26.38 -1.19
CA MET C 94 -8.18 25.67 -2.46
C MET C 94 -9.39 24.76 -2.59
N GLN C 95 -9.77 24.51 -3.85
CA GLN C 95 -10.88 23.61 -4.16
C GLN C 95 -10.31 22.28 -4.63
N VAL C 96 -11.18 21.33 -4.98
CA VAL C 96 -10.75 20.04 -5.49
C VAL C 96 -11.43 19.75 -6.81
N THR C 97 -12.77 19.84 -6.81
CA THR C 97 -13.55 19.23 -7.89
C THR C 97 -13.21 19.82 -9.26
N GLN C 98 -13.26 21.13 -9.41
CA GLN C 98 -13.11 21.78 -10.71
C GLN C 98 -11.71 21.50 -11.22
N PHE C 99 -11.62 20.64 -12.24
CA PHE C 99 -10.33 20.11 -12.67
C PHE C 99 -9.41 21.18 -13.24
N PRO C 100 -9.93 22.26 -13.84
CA PRO C 100 -9.05 23.39 -14.12
C PRO C 100 -8.28 23.84 -12.91
N TYR C 101 -8.86 23.71 -11.72
CA TYR C 101 -8.11 23.76 -10.46
C TYR C 101 -7.37 25.09 -10.30
N THR C 102 -8.14 26.17 -10.31
CA THR C 102 -7.56 27.50 -10.13
C THR C 102 -7.08 27.67 -8.68
N PHE C 103 -6.17 28.61 -8.50
CA PHE C 103 -5.58 28.88 -7.19
C PHE C 103 -6.13 30.20 -6.67
N GLY C 104 -6.62 30.20 -5.43
CA GLY C 104 -7.27 31.37 -4.87
C GLY C 104 -6.29 32.43 -4.41
N GLN C 105 -6.85 33.54 -3.94
CA GLN C 105 -6.04 34.66 -3.47
C GLN C 105 -5.93 34.60 -1.95
N GLY C 106 -4.71 34.73 -1.44
CA GLY C 106 -4.46 34.60 -0.02
C GLY C 106 -4.67 35.92 0.72
N THR C 107 -4.42 35.87 2.03
CA THR C 107 -4.57 37.02 2.92
C THR C 107 -3.42 37.02 3.92
N LYS C 108 -2.73 38.15 4.01
CA LYS C 108 -1.64 38.28 4.98
C LYS C 108 -2.16 38.17 6.39
N LEU C 109 -1.39 37.50 7.25
CA LEU C 109 -1.69 37.40 8.67
C LEU C 109 -0.48 37.88 9.46
N GLU C 110 -0.73 38.74 10.45
CA GLU C 110 0.36 39.42 11.16
C GLU C 110 0.01 39.53 12.63
N ILE C 111 1.04 39.76 13.44
CA ILE C 111 0.88 39.96 14.88
C ILE C 111 0.97 41.45 15.18
N LYS C 112 -0.12 42.02 15.68
CA LYS C 112 -0.15 43.42 16.05
C LYS C 112 -0.84 43.57 17.41
N ARG C 113 -0.51 44.65 18.09
CA ARG C 113 -1.10 44.95 19.39
C ARG C 113 -1.20 46.45 19.62
#